data_6I4I
#
_entry.id   6I4I
#
_cell.length_a   68.610
_cell.length_b   71.330
_cell.length_c   109.250
_cell.angle_alpha   90.000
_cell.angle_beta   90.000
_cell.angle_gamma   90.000
#
_symmetry.space_group_name_H-M   'P 21 2 21'
#
loop_
_entity.id
_entity.type
_entity.pdbx_description
1 polymer Actin-1
2 polymer Gelsolin
3 non-polymer "ADENOSINE-5'-DIPHOSPHATE"
4 non-polymer 'ALUMINUM FLUORIDE'
5 non-polymer 'MAGNESIUM ION'
6 non-polymer 'POTASSIUM ION'
7 non-polymer 'THIOCYANATE ION'
8 non-polymer 'CALCIUM ION'
9 water water
#
loop_
_entity_poly.entity_id
_entity_poly.type
_entity_poly.pdbx_seq_one_letter_code
_entity_poly.pdbx_strand_id
1 'polypeptide(L)'
;GAMGEEDVQALVVDNGSGNVKAGVAGDDAPRSVFPSIVGRPKNPGIMVGMEEKDAYVGDEAQTKRGILTLKYPIEHGIVT
NWDDMEKIWHHTFYNELRAAPEEHPVLLTEAPLNPKGNRERMTQIMFESFNVPAMYVAIQAVLSLYSSGRTTGIVLDSGD
GVSHTVPIYEGYALPHAIMRLDLAGRDLTEYLMKILHERGYGFSTSAEKEIVRDIKEKLCYIALNFDEEMKTSEQSSDIE
KSYELPDGNIITVGNERFRCPEALFQPSFLGKEAAGIHTTTFNSIKKCDVDIRKDLYGNIVLSGGTTMYEGIGERLTRDI
TTLAPSTMKIKVVAPPERKYSVWIGGSILSSLSTFQQMWITKEEYDESGPSIVHRKCF
;
A
2 'polypeptide(L)'
;GPMVVEHPEFLKAGKEPGLQIWRVEKFDLVPVPPNLYGDFFTGDAYVILKTVQLRNGNLQYDLHYWLGNECSQDESGAAA
IFTVQLDDYLNGRAVQHREVQGFESSTFSGYFKSGLKYKKGGVASGF
;
G
#
loop_
_chem_comp.id
_chem_comp.type
_chem_comp.name
_chem_comp.formula
ADP non-polymer ADENOSINE-5'-DIPHOSPHATE 'C10 H15 N5 O10 P2'
AF3 non-polymer 'ALUMINUM FLUORIDE' 'Al F3'
CA non-polymer 'CALCIUM ION' 'Ca 2'
K non-polymer 'POTASSIUM ION' 'K 1'
MG non-polymer 'MAGNESIUM ION' 'Mg 2'
SCN non-polymer 'THIOCYANATE ION' 'C N S -1'
#
# COMPACT_ATOMS: atom_id res chain seq x y z
N VAL A 8 -8.43 5.62 22.81
CA VAL A 8 -9.44 4.99 21.96
C VAL A 8 -8.81 4.48 20.66
N GLN A 9 -9.07 3.22 20.33
CA GLN A 9 -8.45 2.53 19.22
C GLN A 9 -9.22 2.82 17.94
N ALA A 10 -8.51 3.30 16.94
CA ALA A 10 -9.06 3.54 15.61
C ALA A 10 -9.34 2.23 14.90
N LEU A 11 -10.35 2.25 14.03
CA LEU A 11 -10.65 1.18 13.10
C LEU A 11 -10.04 1.54 11.75
N VAL A 12 -9.45 0.56 11.09
CA VAL A 12 -8.77 0.76 9.81
C VAL A 12 -9.50 -0.06 8.76
N VAL A 13 -10.00 0.60 7.72
CA VAL A 13 -10.78 -0.02 6.65
C VAL A 13 -10.17 0.35 5.30
N ASP A 14 -9.73 -0.67 4.56
CA ASP A 14 -9.19 -0.53 3.22
C ASP A 14 -10.25 -1.04 2.24
N ASN A 15 -10.86 -0.12 1.49
CA ASN A 15 -12.02 -0.37 0.63
C ASN A 15 -11.57 -0.87 -0.74
N GLY A 16 -11.34 -2.16 -0.86
CA GLY A 16 -10.85 -2.72 -2.11
C GLY A 16 -11.95 -3.04 -3.11
N SER A 17 -11.61 -2.90 -4.41
CA SER A 17 -12.48 -3.38 -5.49
C SER A 17 -12.88 -4.84 -5.30
N GLY A 18 -11.94 -5.66 -4.85
CA GLY A 18 -12.17 -7.09 -4.71
C GLY A 18 -12.44 -7.56 -3.29
N ASN A 19 -11.70 -7.04 -2.32
N ASN A 19 -11.70 -7.04 -2.32
CA ASN A 19 -11.86 -7.40 -0.92
CA ASN A 19 -11.87 -7.42 -0.93
C ASN A 19 -11.71 -6.18 -0.04
C ASN A 19 -11.70 -6.20 -0.03
N VAL A 20 -12.56 -6.11 0.98
CA VAL A 20 -12.37 -5.15 2.06
C VAL A 20 -11.40 -5.77 3.05
N LYS A 21 -10.45 -4.96 3.52
CA LYS A 21 -9.57 -5.32 4.63
C LYS A 21 -9.90 -4.43 5.82
N ALA A 22 -10.19 -5.05 6.96
CA ALA A 22 -10.61 -4.28 8.12
C ALA A 22 -9.97 -4.81 9.39
N GLY A 23 -9.69 -3.91 10.32
CA GLY A 23 -9.19 -4.31 11.61
C GLY A 23 -8.99 -3.13 12.53
N VAL A 24 -8.15 -3.32 13.53
CA VAL A 24 -7.93 -2.33 14.57
C VAL A 24 -6.51 -1.79 14.43
N ALA A 25 -6.36 -0.49 14.64
CA ALA A 25 -5.05 0.14 14.69
C ALA A 25 -4.16 -0.57 15.70
N GLY A 26 -2.91 -0.79 15.31
CA GLY A 26 -1.92 -1.44 16.13
C GLY A 26 -1.70 -2.91 15.82
N ASP A 27 -2.59 -3.52 15.05
CA ASP A 27 -2.42 -4.89 14.60
C ASP A 27 -1.52 -4.92 13.38
N ASP A 28 -0.76 -6.00 13.22
CA ASP A 28 0.15 -6.10 12.10
C ASP A 28 -0.49 -6.68 10.85
N ALA A 29 -1.80 -6.93 10.88
CA ALA A 29 -2.48 -7.43 9.70
C ALA A 29 -3.99 -7.27 9.91
N PRO A 30 -4.78 -7.17 8.85
CA PRO A 30 -6.23 -7.03 9.04
C PRO A 30 -6.82 -8.31 9.62
N ARG A 31 -7.72 -8.15 10.57
N ARG A 31 -7.71 -8.12 10.59
CA ARG A 31 -8.36 -9.34 11.12
CA ARG A 31 -8.42 -9.26 11.18
C ARG A 31 -9.58 -9.75 10.32
C ARG A 31 -9.50 -9.78 10.24
N SER A 32 -10.07 -8.91 9.41
CA SER A 32 -11.23 -9.22 8.59
C SER A 32 -10.89 -8.95 7.13
N VAL A 33 -11.01 -9.96 6.28
CA VAL A 33 -10.84 -9.80 4.84
C VAL A 33 -12.01 -10.49 4.18
N PHE A 34 -12.79 -9.75 3.40
CA PHE A 34 -13.96 -10.37 2.81
C PHE A 34 -14.27 -9.73 1.48
N PRO A 35 -14.95 -10.44 0.58
CA PRO A 35 -15.14 -9.92 -0.77
C PRO A 35 -16.08 -8.73 -0.80
N SER A 36 -15.79 -7.79 -1.70
CA SER A 36 -16.53 -6.52 -1.74
C SER A 36 -17.76 -6.71 -2.61
N ILE A 37 -18.70 -7.50 -2.10
CA ILE A 37 -19.84 -8.00 -2.87
C ILE A 37 -21.10 -7.76 -2.04
N VAL A 38 -22.14 -7.27 -2.70
CA VAL A 38 -23.45 -7.10 -2.08
C VAL A 38 -24.45 -7.90 -2.91
N GLY A 39 -25.19 -8.77 -2.23
CA GLY A 39 -26.24 -9.55 -2.86
C GLY A 39 -27.60 -9.08 -2.36
N ARG A 40 -28.53 -8.94 -3.30
CA ARG A 40 -29.89 -8.55 -2.97
C ARG A 40 -30.86 -9.55 -3.57
N PRO A 41 -31.98 -9.83 -2.89
CA PRO A 41 -32.89 -10.88 -3.35
C PRO A 41 -33.28 -10.69 -4.81
N LYS A 42 -33.36 -11.80 -5.54
CA LYS A 42 -33.81 -11.77 -6.93
C LYS A 42 -35.31 -11.49 -7.01
N ASN A 43 -36.08 -12.01 -6.06
CA ASN A 43 -37.54 -11.86 -6.05
C ASN A 43 -38.00 -11.47 -4.65
N PRO A 44 -37.99 -10.16 -4.34
CA PRO A 44 -38.56 -9.68 -3.08
C PRO A 44 -39.99 -9.17 -3.24
N ASP A 54 -33.43 -6.25 2.45
CA ASP A 54 -32.51 -7.31 2.82
C ASP A 54 -31.30 -7.25 1.88
N ALA A 55 -30.11 -7.39 2.45
CA ALA A 55 -28.89 -7.40 1.67
C ALA A 55 -27.88 -8.29 2.35
N TYR A 56 -27.10 -9.01 1.55
CA TYR A 56 -26.07 -9.91 2.04
C TYR A 56 -24.73 -9.48 1.49
N VAL A 57 -23.69 -9.61 2.29
CA VAL A 57 -22.38 -9.05 1.96
C VAL A 57 -21.32 -10.14 2.04
N GLY A 58 -20.34 -10.04 1.15
CA GLY A 58 -19.12 -10.82 1.30
C GLY A 58 -19.37 -12.29 1.08
N ASP A 59 -18.84 -13.10 1.99
CA ASP A 59 -18.91 -14.55 1.83
C ASP A 59 -20.34 -15.06 1.93
N GLU A 60 -21.15 -14.50 2.83
N GLU A 60 -21.17 -14.45 2.78
CA GLU A 60 -22.55 -14.89 2.90
CA GLU A 60 -22.55 -14.90 2.92
C GLU A 60 -23.21 -14.78 1.54
C GLU A 60 -23.38 -14.61 1.68
N ALA A 61 -22.94 -13.69 0.83
CA ALA A 61 -23.62 -13.45 -0.45
C ALA A 61 -23.18 -14.43 -1.52
N GLN A 62 -21.91 -14.87 -1.48
CA GLN A 62 -21.45 -15.84 -2.47
C GLN A 62 -22.10 -17.20 -2.28
N THR A 63 -22.34 -17.61 -1.03
CA THR A 63 -22.97 -18.92 -0.81
C THR A 63 -24.44 -18.91 -1.20
N LYS A 64 -25.08 -17.74 -1.24
CA LYS A 64 -26.47 -17.61 -1.64
C LYS A 64 -26.61 -16.94 -3.01
N ARG A 65 -25.60 -17.07 -3.87
CA ARG A 65 -25.66 -16.48 -5.21
C ARG A 65 -26.85 -17.03 -6.02
N GLY A 66 -27.41 -18.17 -5.64
CA GLY A 66 -28.54 -18.72 -6.36
C GLY A 66 -29.82 -17.91 -6.21
N ILE A 67 -30.02 -17.27 -5.06
CA ILE A 67 -31.23 -16.49 -4.80
C ILE A 67 -30.96 -14.99 -4.79
N LEU A 68 -29.71 -14.55 -5.00
CA LEU A 68 -29.33 -13.15 -4.96
C LEU A 68 -28.78 -12.69 -6.30
N THR A 69 -28.88 -11.39 -6.55
CA THR A 69 -28.12 -10.71 -7.60
C THR A 69 -26.90 -10.05 -6.97
N LEU A 70 -25.70 -10.43 -7.42
CA LEU A 70 -24.45 -9.95 -6.84
C LEU A 70 -23.94 -8.70 -7.55
N LYS A 71 -23.55 -7.70 -6.79
CA LYS A 71 -22.99 -6.48 -7.34
C LYS A 71 -21.68 -6.13 -6.65
N TYR A 72 -20.81 -5.46 -7.40
CA TYR A 72 -19.57 -4.90 -6.91
C TYR A 72 -19.71 -3.39 -6.77
N PRO A 73 -19.83 -2.84 -5.57
CA PRO A 73 -20.05 -1.38 -5.45
C PRO A 73 -18.81 -0.55 -5.70
N ILE A 74 -17.61 -1.13 -5.68
CA ILE A 74 -16.38 -0.41 -5.95
C ILE A 74 -15.87 -0.91 -7.29
N GLU A 75 -15.79 0.00 -8.26
CA GLU A 75 -15.35 -0.32 -9.59
C GLU A 75 -14.02 0.39 -9.83
N HIS A 76 -13.00 -0.39 -10.11
CA HIS A 76 -11.69 0.15 -10.38
C HIS A 76 -11.22 1.04 -9.23
N GLY A 77 -11.57 0.65 -8.01
CA GLY A 77 -11.16 1.36 -6.81
C GLY A 77 -12.00 2.56 -6.47
N ILE A 78 -12.99 2.91 -7.29
CA ILE A 78 -13.85 4.07 -7.09
C ILE A 78 -15.23 3.58 -6.64
N VAL A 79 -15.74 4.11 -5.55
CA VAL A 79 -17.10 3.75 -5.13
C VAL A 79 -18.07 4.31 -6.15
N THR A 80 -18.89 3.43 -6.74
CA THR A 80 -19.89 3.84 -7.73
C THR A 80 -21.32 3.47 -7.36
N ASN A 81 -21.53 2.70 -6.28
CA ASN A 81 -22.87 2.38 -5.76
C ASN A 81 -22.83 2.67 -4.27
N TRP A 82 -23.37 3.83 -3.89
CA TRP A 82 -23.26 4.29 -2.52
C TRP A 82 -24.22 3.57 -1.58
N ASP A 83 -25.39 3.17 -2.05
CA ASP A 83 -26.28 2.41 -1.18
C ASP A 83 -25.66 1.07 -0.83
N ASP A 84 -25.10 0.37 -1.82
CA ASP A 84 -24.46 -0.91 -1.55
C ASP A 84 -23.16 -0.75 -0.78
N MET A 85 -22.43 0.36 -1.00
CA MET A 85 -21.22 0.58 -0.22
C MET A 85 -21.55 0.75 1.25
N GLU A 86 -22.67 1.42 1.55
CA GLU A 86 -23.08 1.56 2.94
C GLU A 86 -23.40 0.20 3.57
N LYS A 87 -23.96 -0.72 2.78
CA LYS A 87 -24.15 -2.10 3.27
C LYS A 87 -22.80 -2.75 3.60
N ILE A 88 -21.78 -2.46 2.81
CA ILE A 88 -20.46 -3.07 3.05
C ILE A 88 -19.86 -2.55 4.34
N TRP A 89 -19.91 -1.22 4.54
CA TRP A 89 -19.38 -0.64 5.77
C TRP A 89 -20.17 -1.13 6.98
N HIS A 90 -21.50 -1.20 6.85
CA HIS A 90 -22.30 -1.71 7.96
C HIS A 90 -21.88 -3.13 8.32
N HIS A 91 -21.71 -3.97 7.32
CA HIS A 91 -21.24 -5.32 7.53
C HIS A 91 -19.88 -5.35 8.19
N THR A 92 -18.96 -4.51 7.72
CA THR A 92 -17.63 -4.41 8.31
C THR A 92 -17.70 -4.12 9.80
N PHE A 93 -18.46 -3.08 10.19
CA PHE A 93 -18.52 -2.67 11.59
C PHE A 93 -19.26 -3.70 12.43
N TYR A 94 -20.40 -4.18 11.95
CA TYR A 94 -21.30 -4.94 12.81
C TYR A 94 -21.08 -6.44 12.75
N ASN A 95 -20.82 -7.00 11.56
CA ASN A 95 -20.73 -8.44 11.43
C ASN A 95 -19.29 -8.93 11.45
N GLU A 96 -18.32 -8.12 11.00
CA GLU A 96 -16.92 -8.52 11.02
C GLU A 96 -16.21 -8.09 12.30
N LEU A 97 -16.17 -6.78 12.58
CA LEU A 97 -15.42 -6.30 13.75
C LEU A 97 -16.25 -6.30 15.03
N ARG A 98 -17.57 -6.22 14.94
N ARG A 98 -17.58 -6.20 14.92
CA ARG A 98 -18.46 -6.05 16.10
CA ARG A 98 -18.46 -6.05 16.07
C ARG A 98 -18.09 -4.80 16.90
C ARG A 98 -18.08 -4.81 16.88
N ALA A 99 -17.83 -3.71 16.17
CA ALA A 99 -17.43 -2.44 16.74
C ALA A 99 -18.49 -1.38 16.47
N ALA A 100 -18.72 -0.51 17.48
CA ALA A 100 -19.65 0.59 17.31
C ALA A 100 -18.95 1.69 16.54
N PRO A 101 -19.31 1.95 15.29
CA PRO A 101 -18.57 2.96 14.54
C PRO A 101 -18.70 4.33 15.18
N GLU A 102 -19.79 4.58 15.90
CA GLU A 102 -19.99 5.88 16.53
C GLU A 102 -19.11 6.10 17.76
N GLU A 103 -18.24 5.13 18.09
CA GLU A 103 -17.38 5.20 19.26
C GLU A 103 -15.91 4.99 18.92
N HIS A 104 -15.54 4.92 17.63
CA HIS A 104 -14.14 4.77 17.23
C HIS A 104 -13.79 5.77 16.13
N PRO A 105 -12.62 6.41 16.21
CA PRO A 105 -12.05 7.01 15.00
C PRO A 105 -11.93 5.96 13.92
N VAL A 106 -12.03 6.37 12.66
CA VAL A 106 -11.96 5.46 11.53
C VAL A 106 -11.01 6.03 10.49
N LEU A 107 -10.03 5.22 10.09
CA LEU A 107 -9.17 5.52 8.94
C LEU A 107 -9.70 4.76 7.73
N LEU A 108 -10.11 5.50 6.70
CA LEU A 108 -10.57 4.90 5.46
C LEU A 108 -9.56 5.18 4.36
N THR A 109 -9.43 4.25 3.45
CA THR A 109 -8.53 4.45 2.33
C THR A 109 -9.32 4.84 1.09
N GLU A 110 -8.61 5.45 0.15
CA GLU A 110 -9.19 5.85 -1.12
C GLU A 110 -8.15 5.60 -2.21
N ALA A 111 -8.65 5.43 -3.44
CA ALA A 111 -7.77 5.19 -4.56
C ALA A 111 -7.00 6.47 -4.90
N PRO A 112 -5.81 6.33 -5.47
CA PRO A 112 -5.17 7.48 -6.09
C PRO A 112 -6.13 8.11 -7.10
N LEU A 113 -6.12 9.44 -7.18
CA LEU A 113 -6.94 10.19 -8.13
C LEU A 113 -8.43 10.10 -7.83
N ASN A 114 -8.83 9.59 -6.68
CA ASN A 114 -10.23 9.64 -6.28
C ASN A 114 -10.74 11.08 -6.31
N PRO A 115 -11.81 11.38 -7.05
CA PRO A 115 -12.30 12.76 -7.10
C PRO A 115 -12.66 13.27 -5.71
N LYS A 116 -12.48 14.57 -5.50
CA LYS A 116 -12.82 15.16 -4.22
C LYS A 116 -14.29 14.98 -3.88
N GLY A 117 -15.16 14.96 -4.88
CA GLY A 117 -16.58 14.75 -4.61
C GLY A 117 -16.88 13.39 -4.03
N ASN A 118 -16.15 12.36 -4.47
CA ASN A 118 -16.30 11.02 -3.90
C ASN A 118 -15.84 11.02 -2.44
N ARG A 119 -14.67 11.57 -2.17
N ARG A 119 -14.69 11.62 -2.15
CA ARG A 119 -14.20 11.65 -0.78
CA ARG A 119 -14.17 11.67 -0.79
C ARG A 119 -15.24 12.32 0.11
C ARG A 119 -15.11 12.43 0.13
N GLU A 120 -15.87 13.38 -0.40
CA GLU A 120 -16.84 14.13 0.41
C GLU A 120 -18.10 13.31 0.66
N ARG A 121 -18.49 12.50 -0.33
CA ARG A 121 -19.63 11.61 -0.12
C ARG A 121 -19.31 10.56 0.92
N MET A 122 -18.13 9.95 0.84
N MET A 122 -18.14 9.91 0.80
CA MET A 122 -17.75 8.98 1.87
CA MET A 122 -17.67 9.00 1.85
C MET A 122 -17.68 9.63 3.25
C MET A 122 -17.76 9.67 3.21
N THR A 123 -17.17 10.86 3.32
CA THR A 123 -17.14 11.58 4.58
C THR A 123 -18.53 11.83 5.12
N GLN A 124 -19.45 12.27 4.24
CA GLN A 124 -20.82 12.51 4.68
C GLN A 124 -21.45 11.25 5.24
N ILE A 125 -21.25 10.11 4.56
CA ILE A 125 -21.86 8.87 5.02
C ILE A 125 -21.27 8.45 6.37
N MET A 126 -19.94 8.53 6.52
CA MET A 126 -19.33 8.18 7.80
C MET A 126 -19.87 9.04 8.93
N PHE A 127 -20.02 10.35 8.70
CA PHE A 127 -20.40 11.25 9.78
C PHE A 127 -21.91 11.29 10.02
N GLU A 128 -22.72 11.09 8.98
N GLU A 128 -22.72 11.08 8.99
CA GLU A 128 -24.16 11.26 9.12
CA GLU A 128 -24.16 11.26 9.12
C GLU A 128 -24.94 9.95 9.13
C GLU A 128 -24.94 9.95 9.13
N SER A 129 -24.41 8.88 8.55
CA SER A 129 -25.06 7.57 8.63
C SER A 129 -24.49 6.74 9.76
N PHE A 130 -23.17 6.67 9.88
CA PHE A 130 -22.54 5.87 10.94
C PHE A 130 -22.11 6.70 12.14
N ASN A 131 -22.24 8.03 12.11
CA ASN A 131 -21.93 8.88 13.27
C ASN A 131 -20.51 8.65 13.81
N VAL A 132 -19.56 8.43 12.93
CA VAL A 132 -18.20 8.23 13.45
C VAL A 132 -17.73 9.50 14.14
N PRO A 133 -17.03 9.41 15.28
CA PRO A 133 -16.64 10.63 16.00
C PRO A 133 -15.49 11.38 15.35
N ALA A 134 -14.72 10.70 14.51
CA ALA A 134 -13.54 11.28 13.91
C ALA A 134 -13.11 10.37 12.77
N MET A 135 -12.59 10.95 11.70
CA MET A 135 -12.12 10.11 10.62
C MET A 135 -10.96 10.77 9.90
N TYR A 136 -10.24 9.94 9.17
CA TYR A 136 -9.15 10.36 8.31
C TYR A 136 -9.26 9.57 7.02
N VAL A 137 -9.05 10.23 5.89
CA VAL A 137 -9.00 9.55 4.59
C VAL A 137 -7.56 9.57 4.12
N ALA A 138 -7.01 8.39 3.85
CA ALA A 138 -5.64 8.27 3.39
C ALA A 138 -5.60 7.69 1.96
N ILE A 139 -4.63 8.14 1.17
CA ILE A 139 -4.39 7.57 -0.15
C ILE A 139 -3.72 6.21 0.00
N GLN A 140 -4.29 5.18 -0.64
CA GLN A 140 -3.81 3.81 -0.48
C GLN A 140 -2.31 3.68 -0.73
N ALA A 141 -1.84 4.17 -1.88
CA ALA A 141 -0.43 3.99 -2.23
C ALA A 141 0.51 4.67 -1.24
N VAL A 142 0.10 5.80 -0.66
CA VAL A 142 0.96 6.47 0.31
C VAL A 142 1.13 5.62 1.56
N LEU A 143 0.04 4.98 2.00
CA LEU A 143 0.11 4.12 3.17
C LEU A 143 1.07 2.96 2.91
N SER A 144 1.06 2.41 1.69
CA SER A 144 1.97 1.33 1.34
C SER A 144 3.42 1.78 1.38
N LEU A 145 3.70 3.01 0.95
CA LEU A 145 5.06 3.50 0.98
C LEU A 145 5.55 3.62 2.41
N TYR A 146 4.74 4.20 3.28
CA TYR A 146 5.07 4.29 4.70
C TYR A 146 5.31 2.92 5.31
N SER A 147 4.46 1.95 4.96
CA SER A 147 4.63 0.60 5.48
C SER A 147 5.94 -0.02 5.06
N SER A 148 6.54 0.45 3.96
CA SER A 148 7.86 0.00 3.56
C SER A 148 8.96 0.82 4.19
N GLY A 149 8.64 1.76 5.07
CA GLY A 149 9.66 2.54 5.73
C GLY A 149 10.26 3.61 4.86
N ARG A 150 9.47 4.21 3.99
CA ARG A 150 9.96 5.19 3.02
C ARG A 150 9.05 6.40 3.01
N THR A 151 9.64 7.57 2.75
CA THR A 151 8.88 8.77 2.48
C THR A 151 8.93 9.19 1.01
N THR A 152 9.92 8.67 0.25
CA THR A 152 10.03 8.95 -1.17
C THR A 152 10.12 7.64 -1.93
N GLY A 153 9.38 7.56 -3.02
CA GLY A 153 9.39 6.36 -3.85
C GLY A 153 8.24 6.40 -4.81
N ILE A 154 8.18 5.40 -5.68
CA ILE A 154 7.05 5.25 -6.57
C ILE A 154 6.42 3.93 -6.24
N VAL A 155 5.14 3.96 -5.92
CA VAL A 155 4.40 2.78 -5.53
C VAL A 155 3.66 2.25 -6.75
N LEU A 156 3.88 0.98 -7.04
N LEU A 156 3.87 0.98 -7.06
CA LEU A 156 3.12 0.23 -8.05
CA LEU A 156 3.11 0.25 -8.06
C LEU A 156 2.09 -0.60 -7.29
C LEU A 156 2.08 -0.59 -7.31
N ASP A 157 0.85 -0.11 -7.27
CA ASP A 157 -0.25 -0.76 -6.53
C ASP A 157 -1.14 -1.46 -7.54
N SER A 158 -1.14 -2.78 -7.52
CA SER A 158 -1.98 -3.55 -8.43
C SER A 158 -2.90 -4.44 -7.61
N GLY A 159 -4.20 -4.15 -7.68
CA GLY A 159 -5.18 -4.87 -6.91
C GLY A 159 -6.02 -5.77 -7.80
N ASP A 160 -7.29 -5.91 -7.45
CA ASP A 160 -8.22 -6.70 -8.23
C ASP A 160 -8.84 -5.90 -9.36
N GLY A 161 -9.09 -4.62 -9.13
CA GLY A 161 -9.84 -3.81 -10.10
C GLY A 161 -9.07 -2.67 -10.74
N VAL A 162 -7.96 -2.22 -10.15
CA VAL A 162 -7.21 -1.09 -10.71
C VAL A 162 -5.76 -1.23 -10.34
N SER A 163 -4.89 -0.75 -11.21
CA SER A 163 -3.47 -0.62 -10.95
C SER A 163 -3.08 0.85 -11.14
N HIS A 164 -2.25 1.36 -10.22
CA HIS A 164 -1.78 2.74 -10.23
C HIS A 164 -0.29 2.74 -9.99
N THR A 165 0.42 3.65 -10.66
CA THR A 165 1.79 4.01 -10.32
C THR A 165 1.76 5.41 -9.73
N VAL A 166 2.24 5.53 -8.49
CA VAL A 166 2.05 6.74 -7.69
C VAL A 166 3.41 7.25 -7.20
N PRO A 167 4.00 8.23 -7.88
CA PRO A 167 5.19 8.89 -7.32
C PRO A 167 4.85 9.67 -6.06
N ILE A 168 5.75 9.57 -5.08
CA ILE A 168 5.58 10.21 -3.78
C ILE A 168 6.92 10.83 -3.38
N TYR A 169 6.89 12.11 -3.02
CA TYR A 169 8.12 12.80 -2.63
C TYR A 169 7.97 13.37 -1.24
N GLU A 170 8.85 12.96 -0.33
CA GLU A 170 8.89 13.47 1.03
C GLU A 170 7.51 13.43 1.68
N GLY A 171 6.80 12.33 1.43
CA GLY A 171 5.58 12.03 2.10
C GLY A 171 4.32 12.32 1.33
N TYR A 172 4.39 13.02 0.20
CA TYR A 172 3.21 13.45 -0.51
C TYR A 172 3.20 12.98 -1.96
N ALA A 173 2.08 12.42 -2.36
CA ALA A 173 1.91 11.98 -3.72
C ALA A 173 2.00 13.19 -4.65
N LEU A 174 2.48 12.95 -5.87
CA LEU A 174 2.54 13.96 -6.90
C LEU A 174 1.37 13.71 -7.83
N PRO A 175 0.24 14.42 -7.68
CA PRO A 175 -0.94 14.09 -8.50
C PRO A 175 -0.69 14.13 -10.01
N HIS A 176 0.05 15.12 -10.49
CA HIS A 176 0.28 15.28 -11.93
C HIS A 176 1.01 14.09 -12.56
N ALA A 177 1.57 13.19 -11.77
CA ALA A 177 2.41 12.13 -12.27
C ALA A 177 1.81 10.75 -12.02
N ILE A 178 0.67 10.68 -11.34
CA ILE A 178 0.02 9.41 -11.10
C ILE A 178 -0.58 8.88 -12.41
N MET A 179 -0.43 7.59 -12.64
CA MET A 179 -0.99 6.97 -13.84
C MET A 179 -1.77 5.73 -13.44
N ARG A 180 -2.76 5.40 -14.27
N ARG A 180 -2.85 5.49 -14.19
CA ARG A 180 -3.48 4.14 -14.17
CA ARG A 180 -3.91 4.55 -13.81
C ARG A 180 -2.94 3.16 -15.21
C ARG A 180 -4.13 3.53 -14.91
N LEU A 181 -2.56 1.97 -14.75
N LEU A 181 -4.17 2.26 -14.53
CA LEU A 181 -2.23 0.88 -15.65
CA LEU A 181 -4.45 1.15 -15.44
C LEU A 181 -3.52 0.16 -15.98
C LEU A 181 -5.71 0.42 -15.00
N ASP A 182 -3.85 0.08 -17.27
N ASP A 182 -6.66 0.28 -15.92
CA ASP A 182 -5.14 -0.45 -17.69
CA ASP A 182 -7.80 -0.58 -15.62
C ASP A 182 -5.18 -1.97 -17.55
C ASP A 182 -7.40 -2.05 -15.55
N LEU A 183 -5.58 -2.44 -16.37
N LEU A 183 -6.17 -2.37 -15.92
CA LEU A 183 -5.87 -3.85 -16.05
CA LEU A 183 -5.69 -3.74 -15.93
C LEU A 183 -5.41 -4.14 -14.62
C LEU A 183 -5.22 -4.13 -14.54
N ALA A 184 -5.94 -5.20 -14.03
N ALA A 184 -5.83 -5.17 -13.98
CA ALA A 184 -5.56 -5.62 -12.68
CA ALA A 184 -5.49 -5.62 -12.64
C ALA A 184 -5.89 -7.10 -12.55
C ALA A 184 -5.88 -7.09 -12.54
N GLY A 185 -6.00 -7.59 -11.31
CA GLY A 185 -6.11 -9.03 -11.09
C GLY A 185 -7.36 -9.65 -11.71
N ARG A 186 -8.50 -8.96 -11.65
CA ARG A 186 -9.72 -9.53 -12.22
C ARG A 186 -9.58 -9.76 -13.71
N ASP A 187 -8.91 -8.85 -14.42
CA ASP A 187 -8.67 -9.06 -15.86
C ASP A 187 -7.77 -10.27 -16.10
N LEU A 188 -6.80 -10.49 -15.20
CA LEU A 188 -5.93 -11.64 -15.38
C LEU A 188 -6.68 -12.93 -15.06
N THR A 189 -7.56 -12.90 -14.06
CA THR A 189 -8.41 -14.07 -13.82
C THR A 189 -9.24 -14.39 -15.05
N GLU A 190 -9.89 -13.39 -15.63
CA GLU A 190 -10.69 -13.62 -16.83
C GLU A 190 -9.82 -14.08 -17.99
N TYR A 191 -8.57 -13.62 -18.07
CA TYR A 191 -7.72 -14.04 -19.18
C TYR A 191 -7.30 -15.50 -19.02
N LEU A 192 -7.01 -15.92 -17.80
CA LEU A 192 -6.72 -17.32 -17.56
C LEU A 192 -7.93 -18.20 -17.92
N MET A 193 -9.13 -17.79 -17.50
CA MET A 193 -10.35 -18.50 -17.91
C MET A 193 -10.41 -18.66 -19.41
N LYS A 194 -10.05 -17.61 -20.14
CA LYS A 194 -10.12 -17.66 -21.59
C LYS A 194 -9.10 -18.63 -22.16
N ILE A 195 -7.82 -18.45 -21.82
CA ILE A 195 -6.79 -19.27 -22.47
C ILE A 195 -6.86 -20.72 -22.02
N LEU A 196 -7.52 -21.01 -20.90
CA LEU A 196 -7.73 -22.40 -20.52
C LEU A 196 -8.67 -23.13 -21.48
N HIS A 197 -9.44 -22.40 -22.31
CA HIS A 197 -10.21 -23.08 -23.35
C HIS A 197 -9.32 -23.78 -24.38
N GLU A 198 -8.03 -23.46 -24.44
CA GLU A 198 -7.15 -24.17 -25.37
C GLU A 198 -6.98 -25.63 -24.97
N ARG A 199 -7.05 -25.91 -23.66
CA ARG A 199 -6.96 -27.25 -23.10
C ARG A 199 -8.31 -27.92 -22.98
N GLY A 200 -9.38 -27.22 -23.30
CA GLY A 200 -10.71 -27.75 -23.22
C GLY A 200 -11.49 -27.40 -21.97
N TYR A 201 -10.96 -26.54 -21.11
CA TYR A 201 -11.69 -26.14 -19.91
C TYR A 201 -12.66 -25.01 -20.22
N GLY A 202 -13.90 -25.16 -19.77
CA GLY A 202 -14.91 -24.14 -19.91
C GLY A 202 -15.37 -23.56 -18.59
N PHE A 203 -14.51 -22.82 -17.92
CA PHE A 203 -14.93 -22.05 -16.77
C PHE A 203 -15.62 -20.78 -17.25
N SER A 204 -16.82 -20.52 -16.74
CA SER A 204 -17.55 -19.33 -17.16
C SER A 204 -18.39 -18.73 -16.04
N THR A 205 -18.94 -19.56 -15.16
CA THR A 205 -19.83 -19.05 -14.12
C THR A 205 -19.06 -18.27 -13.06
N SER A 206 -19.79 -17.47 -12.31
CA SER A 206 -19.19 -16.69 -11.22
C SER A 206 -18.47 -17.58 -10.24
N ALA A 207 -19.05 -18.72 -9.87
CA ALA A 207 -18.37 -19.61 -8.93
C ALA A 207 -17.12 -20.23 -9.55
N GLU A 208 -17.15 -20.49 -10.86
CA GLU A 208 -15.97 -21.08 -11.48
C GLU A 208 -14.87 -20.06 -11.61
N LYS A 209 -15.25 -18.78 -11.71
CA LYS A 209 -14.26 -17.70 -11.75
C LYS A 209 -13.47 -17.63 -10.45
N GLU A 210 -14.14 -17.84 -9.31
CA GLU A 210 -13.45 -17.92 -8.03
C GLU A 210 -12.43 -19.06 -8.03
N ILE A 211 -12.79 -20.22 -8.56
CA ILE A 211 -11.86 -21.34 -8.65
C ILE A 211 -10.66 -20.97 -9.52
N VAL A 212 -10.93 -20.35 -10.67
CA VAL A 212 -9.82 -19.95 -11.56
C VAL A 212 -8.95 -18.91 -10.89
N ARG A 213 -9.54 -17.96 -10.16
CA ARG A 213 -8.76 -17.01 -9.39
C ARG A 213 -7.77 -17.74 -8.50
N ASP A 214 -8.23 -18.80 -7.84
CA ASP A 214 -7.34 -19.55 -6.97
C ASP A 214 -6.29 -20.30 -7.76
N ILE A 215 -6.66 -20.85 -8.93
CA ILE A 215 -5.67 -21.50 -9.78
C ILE A 215 -4.58 -20.50 -10.15
N LYS A 216 -4.99 -19.29 -10.54
CA LYS A 216 -4.08 -18.20 -10.85
C LYS A 216 -3.12 -17.93 -9.69
N GLU A 217 -3.65 -17.80 -8.47
CA GLU A 217 -2.78 -17.44 -7.36
C GLU A 217 -1.83 -18.57 -7.00
N LYS A 218 -2.25 -19.82 -7.19
CA LYS A 218 -1.41 -20.95 -6.79
C LYS A 218 -0.35 -21.28 -7.84
N LEU A 219 -0.65 -21.12 -9.12
CA LEU A 219 0.22 -21.71 -10.13
C LEU A 219 0.88 -20.72 -11.06
N CYS A 220 0.40 -19.49 -11.17
CA CYS A 220 1.01 -18.59 -12.14
C CYS A 220 2.33 -18.03 -11.63
N TYR A 221 3.15 -17.56 -12.58
CA TYR A 221 4.36 -16.81 -12.26
C TYR A 221 4.72 -15.95 -13.46
N ILE A 222 5.64 -15.02 -13.22
CA ILE A 222 6.05 -14.07 -14.24
C ILE A 222 7.39 -14.51 -14.80
N ALA A 223 7.47 -14.61 -16.11
CA ALA A 223 8.69 -15.05 -16.76
C ALA A 223 9.75 -13.94 -16.74
N LEU A 224 11.00 -14.33 -16.57
CA LEU A 224 12.06 -13.34 -16.62
C LEU A 224 12.23 -12.80 -18.04
N ASN A 225 12.17 -13.68 -19.03
CA ASN A 225 12.08 -13.31 -20.44
C ASN A 225 11.00 -14.18 -21.08
N PHE A 226 9.90 -13.55 -21.53
CA PHE A 226 8.73 -14.28 -21.99
C PHE A 226 9.06 -15.17 -23.18
N ASP A 227 9.69 -14.61 -24.21
CA ASP A 227 10.03 -15.38 -25.40
C ASP A 227 10.89 -16.59 -25.06
N GLU A 228 11.91 -16.42 -24.21
CA GLU A 228 12.73 -17.56 -23.85
C GLU A 228 11.93 -18.60 -23.06
N GLU A 229 10.99 -18.15 -22.24
CA GLU A 229 10.21 -19.09 -21.43
C GLU A 229 9.24 -19.88 -22.29
N MET A 230 8.67 -19.24 -23.33
CA MET A 230 7.90 -19.99 -24.31
C MET A 230 8.73 -21.10 -24.92
N LYS A 231 10.01 -20.80 -25.23
CA LYS A 231 10.86 -21.81 -25.87
C LYS A 231 11.17 -22.94 -24.90
N THR A 232 11.59 -22.63 -23.68
CA THR A 232 11.97 -23.71 -22.76
C THR A 232 10.76 -24.50 -22.31
N SER A 233 9.60 -23.86 -22.15
CA SER A 233 8.41 -24.59 -21.75
C SER A 233 7.90 -25.53 -22.83
N GLU A 234 8.25 -25.28 -24.09
CA GLU A 234 7.85 -26.13 -25.20
C GLU A 234 8.67 -27.41 -25.27
N GLN A 235 9.87 -27.42 -24.68
CA GLN A 235 10.83 -28.51 -24.88
C GLN A 235 10.62 -29.67 -23.93
N SER A 236 9.74 -29.55 -22.94
CA SER A 236 9.49 -30.65 -22.01
C SER A 236 8.17 -30.38 -21.30
N SER A 237 7.79 -31.31 -20.44
CA SER A 237 6.58 -31.15 -19.64
C SER A 237 6.85 -30.57 -18.25
N ASP A 238 8.05 -30.05 -17.99
CA ASP A 238 8.35 -29.61 -16.64
C ASP A 238 7.51 -28.41 -16.24
N ILE A 239 7.07 -27.62 -17.23
CA ILE A 239 6.21 -26.48 -16.99
C ILE A 239 4.92 -26.91 -16.29
N GLU A 240 4.41 -28.09 -16.59
CA GLU A 240 3.05 -28.43 -16.17
C GLU A 240 2.98 -28.63 -14.67
N LYS A 241 1.95 -28.06 -14.04
CA LYS A 241 1.69 -28.26 -12.62
C LYS A 241 0.19 -28.48 -12.45
N SER A 242 -0.14 -29.20 -11.39
CA SER A 242 -1.51 -29.66 -11.18
C SER A 242 -2.20 -28.86 -10.08
N TYR A 243 -3.52 -28.94 -10.08
CA TYR A 243 -4.35 -28.25 -9.13
C TYR A 243 -5.62 -29.06 -8.97
N GLU A 244 -5.99 -29.34 -7.71
CA GLU A 244 -7.15 -30.18 -7.41
C GLU A 244 -8.40 -29.30 -7.32
N LEU A 245 -9.32 -29.49 -8.26
CA LEU A 245 -10.59 -28.78 -8.21
C LEU A 245 -11.36 -29.19 -6.97
N PRO A 246 -12.34 -28.38 -6.56
CA PRO A 246 -13.13 -28.74 -5.36
C PRO A 246 -13.95 -30.00 -5.55
N ASP A 247 -14.24 -30.40 -6.79
CA ASP A 247 -14.93 -31.66 -7.01
C ASP A 247 -13.99 -32.85 -7.01
N GLY A 248 -12.70 -32.64 -6.74
CA GLY A 248 -11.73 -33.71 -6.67
C GLY A 248 -10.97 -33.98 -7.96
N ASN A 249 -11.46 -33.49 -9.09
CA ASN A 249 -10.71 -33.61 -10.34
C ASN A 249 -9.42 -32.80 -10.28
N ILE A 250 -8.41 -33.30 -10.96
CA ILE A 250 -7.12 -32.64 -11.06
C ILE A 250 -7.05 -31.93 -12.41
N ILE A 251 -6.60 -30.68 -12.38
CA ILE A 251 -6.40 -29.88 -13.59
C ILE A 251 -4.91 -29.69 -13.77
N THR A 252 -4.49 -29.68 -15.03
CA THR A 252 -3.09 -29.44 -15.36
C THR A 252 -2.99 -28.19 -16.21
N VAL A 253 -2.08 -27.31 -15.83
CA VAL A 253 -1.85 -26.03 -16.50
C VAL A 253 -0.40 -26.00 -16.93
N GLY A 254 -0.15 -25.56 -18.16
CA GLY A 254 1.19 -25.45 -18.68
C GLY A 254 1.68 -24.02 -18.81
N ASN A 255 1.94 -23.58 -20.04
CA ASN A 255 2.51 -22.25 -20.23
C ASN A 255 1.50 -21.16 -19.90
N GLU A 256 0.25 -21.51 -19.62
CA GLU A 256 -0.70 -20.54 -19.10
C GLU A 256 -0.23 -19.94 -17.78
N ARG A 257 0.64 -20.64 -17.05
CA ARG A 257 1.09 -20.17 -15.74
C ARG A 257 1.82 -18.84 -15.85
N PHE A 258 2.60 -18.63 -16.91
CA PHE A 258 3.27 -17.35 -17.10
C PHE A 258 2.69 -16.50 -18.22
N ARG A 259 1.87 -17.06 -19.11
CA ARG A 259 1.21 -16.24 -20.14
C ARG A 259 0.12 -15.36 -19.55
N CYS A 260 -0.55 -15.84 -18.50
CA CYS A 260 -1.61 -15.06 -17.87
C CYS A 260 -1.07 -13.76 -17.24
N PRO A 261 -0.10 -13.80 -16.32
CA PRO A 261 0.44 -12.53 -15.78
C PRO A 261 1.28 -11.74 -16.77
N GLU A 262 1.76 -12.38 -17.85
CA GLU A 262 2.43 -11.64 -18.91
C GLU A 262 1.58 -10.50 -19.46
N ALA A 263 0.25 -10.58 -19.31
CA ALA A 263 -0.59 -9.48 -19.79
C ALA A 263 -0.27 -8.16 -19.06
N LEU A 264 0.19 -8.22 -17.81
CA LEU A 264 0.61 -7.01 -17.12
C LEU A 264 1.65 -6.24 -17.92
N PHE A 265 2.51 -6.94 -18.62
CA PHE A 265 3.55 -6.33 -19.44
C PHE A 265 3.15 -6.17 -20.89
N GLN A 266 2.17 -6.94 -21.36
CA GLN A 266 1.72 -6.90 -22.75
C GLN A 266 0.19 -6.91 -22.75
N PRO A 267 -0.43 -5.76 -22.47
CA PRO A 267 -1.90 -5.71 -22.46
C PRO A 267 -2.55 -6.06 -23.78
N SER A 268 -1.80 -6.02 -24.88
CA SER A 268 -2.37 -6.46 -26.14
C SER A 268 -2.87 -7.91 -26.04
N PHE A 269 -2.27 -8.71 -25.14
CA PHE A 269 -2.79 -10.05 -24.91
C PHE A 269 -4.27 -10.02 -24.57
N LEU A 270 -4.73 -8.93 -23.96
CA LEU A 270 -6.12 -8.77 -23.54
C LEU A 270 -6.95 -7.97 -24.54
N GLY A 271 -6.42 -7.68 -25.73
CA GLY A 271 -7.09 -6.76 -26.62
C GLY A 271 -7.05 -5.32 -26.20
N LYS A 272 -6.09 -4.93 -25.37
CA LYS A 272 -5.96 -3.56 -24.89
C LYS A 272 -4.76 -2.89 -25.57
N GLU A 273 -4.95 -1.61 -25.93
CA GLU A 273 -3.86 -0.83 -26.49
C GLU A 273 -2.99 -0.19 -25.41
N ALA A 274 -3.27 -0.45 -24.14
CA ALA A 274 -2.59 0.24 -23.06
C ALA A 274 -1.13 -0.18 -22.94
N ALA A 275 -0.34 0.71 -22.35
CA ALA A 275 1.02 0.41 -21.96
C ALA A 275 1.03 -0.61 -20.82
N GLY A 276 2.02 -1.49 -20.85
CA GLY A 276 2.24 -2.42 -19.76
C GLY A 276 2.76 -1.73 -18.50
N ILE A 277 2.94 -2.56 -17.46
N ILE A 277 2.94 -2.53 -17.44
CA ILE A 277 3.26 -2.06 -16.12
CA ILE A 277 3.24 -1.92 -16.13
C ILE A 277 4.62 -1.39 -16.10
C ILE A 277 4.66 -1.37 -16.08
N HIS A 278 5.59 -1.94 -16.85
CA HIS A 278 6.92 -1.36 -16.88
C HIS A 278 6.91 0.01 -17.57
N THR A 279 6.23 0.11 -18.71
CA THR A 279 6.13 1.38 -19.42
C THR A 279 5.40 2.42 -18.57
N THR A 280 4.35 2.01 -17.87
CA THR A 280 3.59 2.94 -17.08
C THR A 280 4.43 3.52 -15.94
N THR A 281 5.21 2.66 -15.26
CA THR A 281 6.09 3.13 -14.20
C THR A 281 7.11 4.13 -14.74
N PHE A 282 7.69 3.83 -15.90
CA PHE A 282 8.65 4.73 -16.55
C PHE A 282 8.01 6.07 -16.93
N ASN A 283 6.78 6.06 -17.46
CA ASN A 283 6.12 7.31 -17.83
C ASN A 283 5.77 8.13 -16.60
N SER A 284 5.39 7.44 -15.54
CA SER A 284 5.04 8.09 -14.29
C SER A 284 6.25 8.79 -13.67
N ILE A 285 7.41 8.13 -13.66
CA ILE A 285 8.63 8.75 -13.19
C ILE A 285 9.00 9.94 -14.06
N LYS A 286 8.85 9.81 -15.38
CA LYS A 286 9.23 10.90 -16.26
C LYS A 286 8.41 12.17 -16.03
N LYS A 287 7.19 12.04 -15.51
CA LYS A 287 6.36 13.22 -15.22
C LYS A 287 6.93 14.06 -14.07
N CYS A 288 7.82 13.49 -13.27
CA CYS A 288 8.42 14.20 -12.15
C CYS A 288 9.71 14.89 -12.60
N ASP A 289 10.04 15.99 -11.94
CA ASP A 289 11.15 16.75 -12.47
C ASP A 289 12.45 15.95 -12.30
N VAL A 290 13.45 16.28 -13.13
CA VAL A 290 14.64 15.44 -13.25
C VAL A 290 15.34 15.26 -11.91
N ASP A 291 15.30 16.27 -11.05
CA ASP A 291 16.10 16.28 -9.84
C ASP A 291 15.63 15.28 -8.78
N ILE A 292 14.43 14.73 -8.90
CA ILE A 292 13.97 13.74 -7.95
C ILE A 292 13.79 12.36 -8.57
N ARG A 293 14.09 12.20 -9.87
CA ARG A 293 13.80 10.92 -10.50
C ARG A 293 14.68 9.81 -9.93
N LYS A 294 15.93 10.09 -9.58
CA LYS A 294 16.78 9.03 -9.05
C LYS A 294 16.20 8.41 -7.79
N ASP A 295 15.63 9.24 -6.89
CA ASP A 295 15.03 8.71 -5.67
C ASP A 295 13.81 7.84 -5.98
N LEU A 296 13.12 8.13 -7.07
CA LEU A 296 11.98 7.31 -7.46
C LEU A 296 12.44 5.99 -8.07
N TYR A 297 13.42 6.05 -8.99
CA TYR A 297 13.91 4.82 -9.61
C TYR A 297 14.52 3.89 -8.58
N GLY A 298 15.14 4.44 -7.54
CA GLY A 298 15.78 3.61 -6.53
C GLY A 298 14.84 3.11 -5.45
N ASN A 299 13.54 3.37 -5.59
CA ASN A 299 12.55 3.08 -4.56
C ASN A 299 11.22 2.74 -5.23
N ILE A 300 11.24 1.76 -6.13
CA ILE A 300 10.03 1.29 -6.78
C ILE A 300 9.44 0.24 -5.86
N VAL A 301 8.30 0.57 -5.26
CA VAL A 301 7.72 -0.27 -4.21
C VAL A 301 6.46 -0.95 -4.73
N LEU A 302 6.45 -2.29 -4.70
CA LEU A 302 5.30 -3.08 -5.12
C LEU A 302 4.29 -3.20 -3.99
N SER A 303 3.02 -3.14 -4.35
CA SER A 303 1.91 -3.13 -3.42
C SER A 303 0.73 -3.88 -4.03
N GLY A 304 0.05 -4.69 -3.24
CA GLY A 304 -1.23 -5.21 -3.68
C GLY A 304 -1.13 -6.64 -4.18
N GLY A 305 -2.28 -7.32 -4.15
CA GLY A 305 -2.29 -8.75 -4.44
C GLY A 305 -1.76 -9.11 -5.81
N THR A 306 -2.02 -8.28 -6.81
CA THR A 306 -1.59 -8.63 -8.15
C THR A 306 -0.09 -8.45 -8.37
N THR A 307 0.66 -7.92 -7.40
CA THR A 307 2.11 -7.90 -7.47
C THR A 307 2.74 -9.13 -6.80
N MET A 308 1.92 -10.08 -6.36
CA MET A 308 2.43 -11.23 -5.61
C MET A 308 3.02 -12.35 -6.48
N TYR A 309 2.93 -12.28 -7.81
CA TYR A 309 3.53 -13.29 -8.67
C TYR A 309 5.02 -13.45 -8.39
N GLU A 310 5.45 -14.70 -8.23
CA GLU A 310 6.86 -15.04 -8.27
C GLU A 310 7.50 -14.51 -9.55
N GLY A 311 8.68 -13.92 -9.40
CA GLY A 311 9.45 -13.43 -10.52
C GLY A 311 9.15 -12.00 -10.93
N ILE A 312 8.16 -11.34 -10.30
CA ILE A 312 7.77 -10.01 -10.75
C ILE A 312 8.91 -9.02 -10.61
N GLY A 313 9.66 -9.09 -9.50
CA GLY A 313 10.62 -8.05 -9.21
C GLY A 313 11.82 -8.09 -10.14
N GLU A 314 12.35 -9.29 -10.38
CA GLU A 314 13.45 -9.46 -11.33
C GLU A 314 13.01 -9.05 -12.75
N ARG A 315 11.78 -9.41 -13.13
CA ARG A 315 11.32 -9.05 -14.46
C ARG A 315 11.09 -7.56 -14.58
N LEU A 316 10.45 -6.96 -13.58
CA LEU A 316 10.24 -5.52 -13.60
C LEU A 316 11.57 -4.77 -13.63
N THR A 317 12.56 -5.27 -12.87
CA THR A 317 13.86 -4.62 -12.85
C THR A 317 14.48 -4.60 -14.24
N ARG A 318 14.43 -5.74 -14.93
CA ARG A 318 14.95 -5.82 -16.30
C ARG A 318 14.25 -4.82 -17.21
N ASP A 319 12.92 -4.78 -17.16
CA ASP A 319 12.20 -4.01 -18.17
C ASP A 319 12.30 -2.52 -17.91
N ILE A 320 12.27 -2.09 -16.65
CA ILE A 320 12.42 -0.67 -16.36
C ILE A 320 13.86 -0.22 -16.63
N THR A 321 14.84 -1.09 -16.34
CA THR A 321 16.22 -0.77 -16.65
C THR A 321 16.42 -0.55 -18.14
N THR A 322 15.79 -1.38 -18.97
CA THR A 322 15.88 -1.19 -20.41
C THR A 322 15.37 0.19 -20.82
N LEU A 323 14.21 0.58 -20.27
CA LEU A 323 13.57 1.83 -20.66
C LEU A 323 14.29 3.05 -20.10
N ALA A 324 14.73 2.99 -18.86
CA ALA A 324 15.18 4.19 -18.17
C ALA A 324 16.61 4.56 -18.58
N PRO A 325 16.99 5.82 -18.43
CA PRO A 325 18.38 6.19 -18.71
C PRO A 325 19.32 5.31 -17.91
N SER A 326 20.46 4.98 -18.51
CA SER A 326 21.36 4.04 -17.87
C SER A 326 22.07 4.61 -16.66
N THR A 327 22.04 5.93 -16.47
CA THR A 327 22.57 6.54 -15.26
C THR A 327 21.71 6.24 -14.03
N MET A 328 20.46 5.83 -14.22
CA MET A 328 19.57 5.62 -13.10
C MET A 328 19.83 4.27 -12.47
N LYS A 329 19.74 4.22 -11.14
CA LYS A 329 19.92 2.99 -10.38
C LYS A 329 18.54 2.45 -10.03
N ILE A 330 18.17 1.34 -10.65
CA ILE A 330 16.82 0.78 -10.54
C ILE A 330 16.80 -0.18 -9.37
N LYS A 331 15.81 -0.02 -8.49
CA LYS A 331 15.67 -0.88 -7.32
C LYS A 331 14.18 -1.13 -7.14
N VAL A 332 13.75 -2.37 -7.37
CA VAL A 332 12.36 -2.78 -7.19
C VAL A 332 12.26 -3.51 -5.85
N VAL A 333 11.38 -3.01 -4.98
CA VAL A 333 11.22 -3.50 -3.63
C VAL A 333 9.91 -4.29 -3.58
N ALA A 334 9.99 -5.54 -3.15
CA ALA A 334 8.85 -6.45 -3.12
C ALA A 334 8.65 -6.92 -1.68
N PRO A 335 7.99 -6.13 -0.84
CA PRO A 335 7.86 -6.51 0.57
C PRO A 335 7.06 -7.80 0.74
N PRO A 336 7.50 -8.72 1.60
CA PRO A 336 6.79 -10.02 1.69
C PRO A 336 5.31 -9.90 1.99
N GLU A 337 4.92 -8.96 2.83
CA GLU A 337 3.52 -8.79 3.22
C GLU A 337 2.79 -7.76 2.35
N ARG A 338 3.29 -7.50 1.14
CA ARG A 338 2.79 -6.37 0.35
C ARG A 338 1.33 -6.54 -0.04
N LYS A 339 0.76 -7.74 0.07
CA LYS A 339 -0.66 -7.95 -0.20
C LYS A 339 -1.54 -7.03 0.65
N TYR A 340 -1.13 -6.79 1.89
CA TYR A 340 -1.88 -5.93 2.82
C TYR A 340 -1.12 -4.67 3.23
N SER A 341 -0.13 -4.24 2.44
N SER A 341 -0.16 -4.20 2.43
CA SER A 341 0.67 -3.08 2.80
CA SER A 341 0.68 -3.09 2.85
C SER A 341 -0.19 -1.88 3.10
C SER A 341 -0.13 -1.80 3.03
N VAL A 342 -1.20 -1.63 2.26
CA VAL A 342 -2.08 -0.48 2.47
C VAL A 342 -2.66 -0.53 3.88
N TRP A 343 -3.26 -1.67 4.23
CA TRP A 343 -3.90 -1.77 5.54
C TRP A 343 -2.89 -1.60 6.67
N ILE A 344 -1.71 -2.22 6.53
CA ILE A 344 -0.68 -2.12 7.55
C ILE A 344 -0.21 -0.68 7.73
N GLY A 345 -0.01 0.04 6.61
CA GLY A 345 0.32 1.45 6.71
C GLY A 345 -0.75 2.22 7.46
N GLY A 346 -2.02 1.88 7.25
CA GLY A 346 -3.09 2.58 7.94
C GLY A 346 -3.06 2.25 9.42
N SER A 347 -2.71 1.02 9.74
CA SER A 347 -2.59 0.60 11.13
C SER A 347 -1.48 1.36 11.85
N ILE A 348 -0.32 1.51 11.21
CA ILE A 348 0.77 2.27 11.80
C ILE A 348 0.36 3.72 11.99
N LEU A 349 -0.11 4.36 10.90
CA LEU A 349 -0.40 5.80 10.94
C LEU A 349 -1.40 6.12 12.05
N SER A 350 -2.44 5.30 12.16
CA SER A 350 -3.52 5.57 13.10
C SER A 350 -3.20 5.12 14.52
N SER A 351 -2.04 4.50 14.73
CA SER A 351 -1.53 4.21 16.07
C SER A 351 -0.64 5.32 16.62
N LEU A 352 -0.15 6.23 15.77
CA LEU A 352 0.81 7.21 16.19
C LEU A 352 0.20 8.19 17.18
N SER A 353 1.04 8.61 18.12
CA SER A 353 0.66 9.61 19.11
C SER A 353 0.14 10.90 18.46
N THR A 354 0.51 11.18 17.22
CA THR A 354 0.08 12.38 16.50
C THR A 354 -1.19 12.18 15.66
N PHE A 355 -1.77 10.98 15.63
CA PHE A 355 -2.92 10.73 14.76
C PHE A 355 -4.10 11.60 15.15
N GLN A 356 -4.27 11.86 16.46
CA GLN A 356 -5.39 12.63 16.95
C GLN A 356 -5.35 14.07 16.47
N GLN A 357 -4.22 14.54 15.96
CA GLN A 357 -4.12 15.89 15.42
C GLN A 357 -4.40 15.93 13.93
N MET A 358 -4.48 14.79 13.26
CA MET A 358 -4.66 14.72 11.82
C MET A 358 -6.10 14.51 11.38
N TRP A 359 -6.96 14.02 12.26
CA TRP A 359 -8.28 13.61 11.84
C TRP A 359 -9.27 14.78 11.88
N ILE A 360 -10.41 14.57 11.24
CA ILE A 360 -11.55 15.49 11.26
C ILE A 360 -12.59 14.94 12.22
N THR A 361 -13.06 15.77 13.13
CA THR A 361 -14.07 15.33 14.10
C THR A 361 -15.48 15.57 13.58
N LYS A 362 -16.42 14.83 14.14
N LYS A 362 -16.42 14.82 14.13
CA LYS A 362 -17.82 15.00 13.74
CA LYS A 362 -17.82 15.00 13.75
C LYS A 362 -18.28 16.42 14.02
C LYS A 362 -18.28 16.42 14.02
N GLU A 363 -17.88 16.98 15.16
CA GLU A 363 -18.30 18.32 15.51
C GLU A 363 -17.81 19.34 14.49
N GLU A 364 -16.56 19.21 14.05
CA GLU A 364 -16.02 20.10 13.02
C GLU A 364 -16.80 19.95 11.72
N TYR A 365 -16.99 18.71 11.26
CA TYR A 365 -17.73 18.48 10.02
C TYR A 365 -19.14 19.04 10.12
N ASP A 366 -19.84 18.73 11.20
CA ASP A 366 -21.23 19.16 11.32
C ASP A 366 -21.38 20.67 11.40
N GLU A 367 -20.33 21.39 11.78
CA GLU A 367 -20.38 22.85 11.84
C GLU A 367 -19.65 23.54 10.69
N SER A 368 -19.02 22.79 9.78
CA SER A 368 -18.35 23.40 8.63
C SER A 368 -19.35 24.14 7.76
N VAL B 5 1.48 19.01 15.63
CA VAL B 5 1.79 20.39 15.99
C VAL B 5 1.77 20.57 17.51
N GLU B 6 1.12 19.64 18.21
CA GLU B 6 0.97 19.69 19.65
C GLU B 6 1.87 18.70 20.39
N HIS B 7 2.50 17.78 19.68
CA HIS B 7 3.38 16.81 20.31
C HIS B 7 4.51 17.55 21.04
N PRO B 8 4.74 17.27 22.34
CA PRO B 8 5.82 17.97 23.05
C PRO B 8 7.15 17.96 22.30
N GLU B 9 7.54 16.84 21.71
CA GLU B 9 8.86 16.78 21.08
C GLU B 9 8.91 17.62 19.82
N PHE B 10 7.79 17.74 19.09
CA PHE B 10 7.74 18.70 17.98
C PHE B 10 8.02 20.11 18.47
N LEU B 11 7.45 20.49 19.61
CA LEU B 11 7.64 21.84 20.13
C LEU B 11 9.11 22.13 20.42
N LYS B 12 9.89 21.12 20.76
CA LYS B 12 11.32 21.27 21.03
C LYS B 12 12.18 21.18 19.77
N ALA B 13 11.61 20.76 18.66
CA ALA B 13 12.41 20.43 17.49
C ALA B 13 12.93 21.69 16.81
N GLY B 14 14.23 21.73 16.53
CA GLY B 14 14.80 22.71 15.61
C GLY B 14 14.82 24.14 16.12
N LYS B 15 14.78 24.34 17.44
N LYS B 15 14.76 24.32 17.44
CA LYS B 15 14.78 25.69 17.97
CA LYS B 15 14.77 25.65 18.03
C LYS B 15 16.18 26.26 18.15
C LYS B 15 16.18 26.25 18.03
N GLU B 16 17.19 25.41 18.23
CA GLU B 16 18.58 25.82 18.37
C GLU B 16 19.42 24.96 17.44
N PRO B 17 20.55 25.48 16.95
CA PRO B 17 21.48 24.61 16.22
C PRO B 17 21.93 23.44 17.08
N GLY B 18 21.96 22.26 16.46
CA GLY B 18 22.47 21.09 17.16
C GLY B 18 21.93 19.81 16.56
N LEU B 19 21.92 18.77 17.40
CA LEU B 19 21.58 17.41 16.97
C LEU B 19 20.53 16.86 17.93
N GLN B 20 19.40 16.43 17.38
CA GLN B 20 18.32 15.86 18.18
C GLN B 20 18.02 14.48 17.64
N ILE B 21 17.95 13.50 18.54
CA ILE B 21 17.71 12.12 18.19
C ILE B 21 16.57 11.59 19.05
N TRP B 22 15.59 11.02 18.39
CA TRP B 22 14.46 10.35 19.00
C TRP B 22 14.47 8.91 18.49
N ARG B 23 13.99 8.00 19.32
CA ARG B 23 13.81 6.61 18.94
C ARG B 23 12.32 6.35 18.89
N VAL B 24 11.88 5.56 17.91
CA VAL B 24 10.50 5.12 17.89
C VAL B 24 10.30 4.10 19.00
N GLU B 25 9.33 4.36 19.88
CA GLU B 25 9.03 3.44 20.96
C GLU B 25 7.51 3.38 21.04
N LYS B 26 6.96 2.21 20.73
CA LYS B 26 5.53 1.95 20.85
C LYS B 26 4.70 3.06 20.21
N PHE B 27 5.02 3.36 18.95
CA PHE B 27 4.30 4.32 18.11
C PHE B 27 4.44 5.77 18.60
N ASP B 28 5.48 6.06 19.38
CA ASP B 28 5.74 7.42 19.83
C ASP B 28 7.19 7.78 19.53
N LEU B 29 7.45 9.08 19.53
CA LEU B 29 8.80 9.62 19.38
C LEU B 29 9.34 9.94 20.78
N VAL B 30 10.41 9.24 21.17
CA VAL B 30 10.95 9.32 22.53
C VAL B 30 12.41 9.77 22.44
N PRO B 31 12.80 10.84 23.16
CA PRO B 31 14.16 11.37 23.03
C PRO B 31 15.20 10.36 23.51
N VAL B 32 16.29 10.27 22.77
CA VAL B 32 17.37 9.34 23.13
C VAL B 32 18.27 10.01 24.18
N PRO B 33 18.56 9.37 25.31
CA PRO B 33 19.51 9.95 26.28
C PRO B 33 20.78 10.40 25.56
N PRO B 34 21.14 11.67 25.69
CA PRO B 34 22.32 12.18 24.96
C PRO B 34 23.58 11.35 25.15
N ASN B 35 23.76 10.69 26.31
CA ASN B 35 24.91 9.82 26.52
C ASN B 35 25.01 8.69 25.49
N LEU B 36 23.93 8.35 24.81
CA LEU B 36 23.91 7.24 23.88
C LEU B 36 24.02 7.69 22.43
N TYR B 37 24.19 8.99 22.19
CA TYR B 37 24.24 9.49 20.82
C TYR B 37 25.40 8.83 20.07
N GLY B 38 25.10 8.28 18.91
CA GLY B 38 26.10 7.60 18.08
C GLY B 38 25.99 6.09 18.08
N ASP B 39 25.37 5.52 19.12
CA ASP B 39 25.16 4.10 19.29
C ASP B 39 23.69 3.81 19.02
N PHE B 40 23.42 3.00 18.00
CA PHE B 40 22.06 2.72 17.57
C PHE B 40 21.75 1.25 17.75
N PHE B 41 20.60 0.98 18.37
CA PHE B 41 20.08 -0.38 18.50
C PHE B 41 19.66 -0.91 17.13
N THR B 42 20.28 -2.02 16.74
N THR B 42 20.25 -2.03 16.74
CA THR B 42 19.92 -2.69 15.49
CA THR B 42 19.91 -2.62 15.46
C THR B 42 18.43 -2.98 15.44
C THR B 42 18.46 -3.10 15.42
N GLY B 43 17.83 -3.34 16.57
CA GLY B 43 16.42 -3.69 16.56
C GLY B 43 15.46 -2.53 16.47
N ASP B 44 15.93 -1.30 16.21
CA ASP B 44 15.08 -0.13 16.36
C ASP B 44 15.20 0.84 15.17
N ALA B 45 14.29 1.82 15.17
CA ALA B 45 14.29 2.90 14.19
C ALA B 45 14.33 4.24 14.91
N TYR B 46 15.02 5.21 14.30
CA TYR B 46 15.24 6.49 14.93
C TYR B 46 14.95 7.60 13.93
N VAL B 47 14.68 8.79 14.48
CA VAL B 47 14.55 10.02 13.71
C VAL B 47 15.58 11.00 14.25
N ILE B 48 16.31 11.65 13.34
CA ILE B 48 17.42 12.52 13.68
C ILE B 48 17.21 13.85 12.97
N LEU B 49 17.20 14.95 13.74
CA LEU B 49 17.13 16.29 13.19
C LEU B 49 18.45 17.00 13.43
N LYS B 50 19.13 17.39 12.34
CA LYS B 50 20.33 18.21 12.44
C LYS B 50 19.97 19.64 12.06
N THR B 51 20.17 20.57 13.00
CA THR B 51 19.87 21.98 12.77
C THR B 51 21.18 22.75 12.69
N VAL B 52 21.33 23.55 11.64
CA VAL B 52 22.52 24.33 11.41
C VAL B 52 22.13 25.79 11.31
N GLN B 53 22.94 26.66 11.91
CA GLN B 53 22.75 28.10 11.86
C GLN B 53 23.48 28.66 10.64
N LEU B 54 22.74 29.30 9.74
CA LEU B 54 23.35 29.91 8.57
C LEU B 54 23.79 31.33 8.89
N ARG B 55 24.63 31.89 8.01
CA ARG B 55 25.01 33.30 8.11
C ARG B 55 23.77 34.20 8.13
N ASN B 56 22.70 33.78 7.46
CA ASN B 56 21.47 34.56 7.42
C ASN B 56 20.89 34.78 8.82
N GLY B 57 21.22 33.91 9.77
CA GLY B 57 20.49 33.84 11.01
C GLY B 57 19.27 32.93 10.93
N ASN B 58 18.90 32.49 9.73
CA ASN B 58 17.90 31.45 9.60
C ASN B 58 18.55 30.09 9.89
N LEU B 59 17.70 29.08 10.02
CA LEU B 59 18.14 27.74 10.38
C LEU B 59 17.90 26.81 9.21
N GLN B 60 18.87 25.92 8.93
CA GLN B 60 18.66 24.86 7.97
C GLN B 60 18.51 23.54 8.71
N TYR B 61 17.65 22.69 8.18
CA TYR B 61 17.24 21.45 8.83
C TYR B 61 17.51 20.28 7.91
N ASP B 62 18.06 19.20 8.45
CA ASP B 62 18.16 17.94 7.73
C ASP B 62 17.61 16.83 8.61
N LEU B 63 16.61 16.12 8.10
CA LEU B 63 15.94 15.05 8.84
C LEU B 63 16.40 13.71 8.27
N HIS B 64 16.96 12.88 9.12
CA HIS B 64 17.36 11.53 8.77
C HIS B 64 16.52 10.57 9.59
N TYR B 65 15.99 9.54 8.97
CA TYR B 65 15.38 8.45 9.73
C TYR B 65 16.23 7.21 9.53
N TRP B 66 16.65 6.59 10.63
CA TRP B 66 17.63 5.51 10.59
C TRP B 66 16.92 4.22 10.93
N LEU B 67 17.12 3.20 10.11
CA LEU B 67 16.41 1.93 10.22
C LEU B 67 17.39 0.82 10.54
N GLY B 68 17.19 0.17 11.67
CA GLY B 68 18.05 -0.94 12.03
C GLY B 68 17.66 -2.21 11.29
N ASN B 69 18.66 -3.05 11.05
CA ASN B 69 18.47 -4.28 10.27
C ASN B 69 17.41 -5.19 10.86
N GLU B 70 17.16 -5.11 12.16
CA GLU B 70 16.17 -5.95 12.80
C GLU B 70 15.01 -5.13 13.36
N CYS B 71 14.80 -3.90 12.91
CA CYS B 71 13.68 -3.16 13.47
C CYS B 71 12.38 -3.64 12.84
N SER B 72 11.29 -3.50 13.58
CA SER B 72 10.05 -4.08 13.12
C SER B 72 9.31 -3.05 12.26
N GLN B 73 8.31 -3.55 11.54
CA GLN B 73 7.67 -2.76 10.50
C GLN B 73 6.93 -1.55 11.07
N ASP B 74 6.40 -1.66 12.29
CA ASP B 74 5.79 -0.50 12.94
C ASP B 74 6.81 0.57 13.25
N GLU B 75 8.03 0.17 13.58
CA GLU B 75 9.07 1.14 13.93
C GLU B 75 9.60 1.87 12.69
N SER B 76 9.87 1.15 11.61
CA SER B 76 10.32 1.81 10.39
C SER B 76 9.19 2.61 9.72
N GLY B 77 7.96 2.13 9.77
CA GLY B 77 6.86 2.92 9.24
C GLY B 77 6.64 4.19 10.04
N ALA B 78 6.67 4.08 11.37
CA ALA B 78 6.49 5.25 12.22
C ALA B 78 7.64 6.22 12.03
N ALA B 79 8.87 5.73 11.88
CA ALA B 79 10.00 6.62 11.62
C ALA B 79 9.79 7.43 10.35
N ALA B 80 9.36 6.77 9.27
CA ALA B 80 9.07 7.52 8.05
C ALA B 80 7.99 8.56 8.27
N ILE B 81 6.87 8.16 8.89
CA ILE B 81 5.74 9.09 9.06
C ILE B 81 6.12 10.27 9.94
N PHE B 82 6.75 10.01 11.08
CA PHE B 82 7.18 11.10 11.95
C PHE B 82 8.11 12.05 11.23
N THR B 83 8.95 11.51 10.35
CA THR B 83 9.84 12.37 9.60
C THR B 83 9.05 13.35 8.74
N VAL B 84 7.99 12.86 8.09
CA VAL B 84 7.13 13.74 7.30
C VAL B 84 6.46 14.78 8.19
N GLN B 85 5.89 14.34 9.30
CA GLN B 85 5.18 15.25 10.19
C GLN B 85 6.09 16.33 10.76
N LEU B 86 7.34 15.97 11.11
CA LEU B 86 8.27 16.96 11.63
C LEU B 86 8.63 17.96 10.55
N ASP B 87 8.83 17.48 9.32
CA ASP B 87 9.09 18.35 8.17
C ASP B 87 7.94 19.34 8.00
N ASP B 88 6.70 18.83 7.91
CA ASP B 88 5.53 19.70 7.86
C ASP B 88 5.56 20.75 8.96
N TYR B 89 5.85 20.32 10.20
CA TYR B 89 5.88 21.25 11.33
C TYR B 89 6.94 22.32 11.13
N LEU B 90 8.07 21.94 10.52
CA LEU B 90 9.14 22.84 10.09
C LEU B 90 8.84 23.55 8.79
N ASN B 91 7.58 23.66 8.40
CA ASN B 91 7.17 24.41 7.22
C ASN B 91 7.69 23.81 5.92
N GLY B 92 8.03 22.52 5.93
CA GLY B 92 8.50 21.86 4.75
C GLY B 92 9.93 22.14 4.39
N ARG B 93 10.70 22.73 5.29
CA ARG B 93 12.03 23.22 4.93
C ARG B 93 13.14 22.21 5.26
N ALA B 94 12.82 21.08 5.87
CA ALA B 94 13.81 20.05 6.09
C ALA B 94 14.00 19.23 4.82
N VAL B 95 15.25 18.82 4.57
CA VAL B 95 15.54 17.79 3.58
C VAL B 95 15.56 16.44 4.28
N GLN B 96 14.81 15.49 3.74
CA GLN B 96 14.63 14.16 4.34
C GLN B 96 15.60 13.15 3.76
N HIS B 97 16.18 12.31 4.62
CA HIS B 97 17.18 11.34 4.21
C HIS B 97 16.86 10.00 4.87
N ARG B 98 16.72 8.95 4.06
CA ARG B 98 16.56 7.60 4.59
C ARG B 98 17.94 6.96 4.81
N GLU B 99 18.19 6.48 6.01
CA GLU B 99 19.48 5.92 6.39
C GLU B 99 19.28 4.47 6.82
N VAL B 100 19.95 3.55 6.14
CA VAL B 100 19.85 2.12 6.44
C VAL B 100 21.13 1.69 7.14
N GLN B 101 20.99 0.95 8.24
CA GLN B 101 22.14 0.44 8.97
C GLN B 101 23.22 -0.09 8.04
N GLY B 102 24.42 0.45 8.18
CA GLY B 102 25.55 -0.02 7.40
C GLY B 102 25.69 0.64 6.04
N PHE B 103 24.77 1.53 5.66
CA PHE B 103 24.83 2.18 4.36
C PHE B 103 24.46 3.65 4.49
N GLU B 104 24.78 4.23 5.63
CA GLU B 104 24.44 5.61 5.97
C GLU B 104 25.26 6.59 5.14
N SER B 105 24.66 7.73 4.81
CA SER B 105 25.38 8.77 4.10
C SER B 105 26.56 9.26 4.92
N SER B 106 27.57 9.80 4.25
CA SER B 106 28.69 10.38 4.98
C SER B 106 28.27 11.62 5.77
N THR B 107 27.23 12.33 5.34
CA THR B 107 26.71 13.44 6.13
C THR B 107 26.26 12.95 7.50
N PHE B 108 25.49 11.88 7.52
CA PHE B 108 24.95 11.36 8.77
C PHE B 108 26.05 10.80 9.65
N SER B 109 26.93 9.97 9.07
CA SER B 109 28.12 9.54 9.80
C SER B 109 28.88 10.71 10.38
N GLY B 110 28.97 11.82 9.65
CA GLY B 110 29.73 12.97 10.09
C GLY B 110 29.14 13.69 11.30
N TYR B 111 27.90 13.39 11.67
CA TYR B 111 27.33 14.03 12.85
C TYR B 111 27.95 13.52 14.14
N PHE B 112 28.60 12.36 14.11
CA PHE B 112 29.09 11.70 15.32
C PHE B 112 30.60 11.59 15.25
N LYS B 113 31.29 12.25 16.18
CA LYS B 113 32.75 12.30 16.14
C LYS B 113 33.37 10.93 16.40
N SER B 114 32.73 10.10 17.21
CA SER B 114 33.21 8.74 17.48
C SER B 114 32.78 7.72 16.41
N GLY B 115 32.03 8.14 15.40
CA GLY B 115 31.55 7.22 14.39
C GLY B 115 30.23 6.59 14.77
N LEU B 116 29.57 6.01 13.77
CA LEU B 116 28.36 5.25 14.01
C LEU B 116 28.73 3.89 14.56
N LYS B 117 27.98 3.46 15.57
CA LYS B 117 28.11 2.13 16.14
C LYS B 117 26.72 1.56 16.35
N TYR B 118 26.66 0.22 16.39
CA TYR B 118 25.42 -0.52 16.49
C TYR B 118 25.49 -1.42 17.72
N LYS B 119 24.34 -1.66 18.32
CA LYS B 119 24.23 -2.51 19.50
C LYS B 119 23.14 -3.53 19.24
N LYS B 120 23.27 -4.70 19.85
CA LYS B 120 22.22 -5.69 19.76
C LYS B 120 21.07 -5.30 20.66
N GLY B 121 19.85 -5.60 20.22
CA GLY B 121 18.69 -5.40 21.04
C GLY B 121 17.81 -4.30 20.51
N GLY B 122 17.01 -3.75 21.40
CA GLY B 122 16.06 -2.71 21.04
C GLY B 122 14.82 -2.77 21.88
N VAL B 123 14.02 -1.72 21.76
CA VAL B 123 12.74 -1.66 22.42
C VAL B 123 11.75 -2.54 21.66
N ALA B 124 10.78 -3.08 22.39
CA ALA B 124 9.85 -4.03 21.81
C ALA B 124 8.95 -3.37 20.78
N SER B 125 8.52 -4.17 19.80
CA SER B 125 7.61 -3.71 18.75
C SER B 125 6.29 -3.23 19.34
N GLY B 126 5.71 -2.23 18.66
CA GLY B 126 4.33 -1.87 18.96
C GLY B 126 3.34 -2.88 18.44
N PHE B 127 3.69 -3.62 17.39
CA PHE B 127 2.80 -4.64 16.83
C PHE B 127 2.68 -5.84 17.77
PB ADP C . -8.16 -4.82 -3.86
O1B ADP C . -9.36 -5.55 -3.35
O2B ADP C . -8.54 -4.21 -5.16
O3B ADP C . -7.41 -3.93 -2.93
PA ADP C . -5.92 -6.65 -3.54
O1A ADP C . -6.60 -7.15 -2.29
O2A ADP C . -4.65 -5.88 -3.50
O3A ADP C . -7.09 -5.92 -4.40
O5' ADP C . -5.59 -7.89 -4.49
C5' ADP C . -6.62 -8.79 -4.94
C4' ADP C . -6.17 -9.31 -6.28
O4' ADP C . -4.83 -9.81 -6.11
C3' ADP C . -7.04 -10.44 -6.79
O3' ADP C . -7.16 -10.42 -8.24
C2' ADP C . -6.25 -11.65 -6.37
O2' ADP C . -6.51 -12.80 -7.18
C1' ADP C . -4.82 -11.16 -6.56
N9 ADP C . -3.88 -12.02 -5.82
C8 ADP C . -3.95 -12.29 -4.51
N7 ADP C . -2.92 -13.11 -4.15
C5 ADP C . -2.23 -13.39 -5.27
C6 ADP C . -1.05 -14.19 -5.61
N6 ADP C . -0.41 -14.89 -4.66
N1 ADP C . -0.63 -14.20 -6.88
C2 ADP C . -1.26 -13.49 -7.83
N3 ADP C . -2.35 -12.73 -7.60
C4 ADP C . -2.87 -12.66 -6.36
H5'1 ADP C . -7.57 -8.25 -5.04
H5'2 ADP C . -6.77 -9.60 -4.23
H4' ADP C . -6.22 -8.49 -7.01
H3' ADP C . -8.07 -10.41 -6.43
H2' ADP C . -6.49 -11.99 -5.35
HO2' ADP C . -7.47 -12.89 -7.31
H1' ADP C . -4.49 -11.22 -7.61
H8 ADP C . -4.70 -11.92 -3.82
HN61 ADP C . 0.40 -15.44 -4.91
HN62 ADP C . -0.75 -14.88 -3.72
H2 ADP C . -0.87 -13.53 -8.84
AL AF3 D . -8.12 -2.48 -5.75
F1 AF3 D . -6.97 -1.97 -4.76
F2 AF3 D . -9.52 -1.75 -5.71
F3 AF3 D . -7.68 -2.94 -7.16
MG MG E . -6.34 -2.19 -2.93
K K F . -5.06 -1.06 -6.60
S SCN G . 10.23 -22.15 -12.94
C SCN G . 9.27 -21.49 -11.56
N SCN G . 8.64 -21.04 -10.67
K K H . 18.59 1.73 -20.37
CA CA I . 12.52 -2.58 18.16
CA CA J . 10.97 19.13 3.05
#